data_1QNS
#
_entry.id   1QNS
#
_cell.length_a   50.180
_cell.length_b   54.600
_cell.length_c   60.760
_cell.angle_alpha   90.00
_cell.angle_beta   111.23
_cell.angle_gamma   90.00
#
_symmetry.space_group_name_H-M   'P 1 21 1'
#
loop_
_entity.id
_entity.type
_entity.pdbx_description
1 polymer ENDO-1,4-B-D-MANNANASE
2 non-polymer 2-AMINO-2-HYDROXYMETHYL-PROPANE-1,3-DIOL
3 non-polymer 'SULFATE ION'
4 non-polymer GLYCEROL
5 non-polymer 2-acetamido-2-deoxy-beta-D-glucopyranose
6 water water
#
_entity_poly.entity_id   1
_entity_poly.type   'polypeptide(L)'
_entity_poly.pdbx_seq_one_letter_code
;ASSFVTISGTQFNIDGKVGYFAGTNCYWCSFLTNHADVDSTFSHISSSGLKVVRVWGFNDVNTQPSPGQIWFQKLSATGS
TINTGADGLQTLDYVVQSAEQHNLKLIIPFVNNWSDYGGINAYVNAFGGNATTWYTNTAAQTQYRKYVQAVVSRYANSTA
IFAWELGNEPRCNGCSTDVIVQWATSVSQYVKSLDSNHLVTLGDEGLGLSTGDGAYPYTYGEGTDFAKNVQIKSLDFGTF
HLYPDSWGTNYTWGNGWIQTHAAACLAAGKPCVFEEYGAQQNPCTNEAPWQTTSLTTRGMGGDMFWQWGDTFANGAQSNS
DPYTVWYNSSNWQCLVKNHVDAIN
;
_entity_poly.pdbx_strand_id   A
#
loop_
_chem_comp.id
_chem_comp.type
_chem_comp.name
_chem_comp.formula
GOL non-polymer GLYCEROL 'C3 H8 O3'
NAG D-saccharide, beta linking 2-acetamido-2-deoxy-beta-D-glucopyranose 'C8 H15 N O6'
SO4 non-polymer 'SULFATE ION' 'O4 S -2'
TRS non-polymer 2-AMINO-2-HYDROXYMETHYL-PROPANE-1,3-DIOL 'C4 H12 N O3 1'
#
# COMPACT_ATOMS: atom_id res chain seq x y z
N ALA A 1 24.27 -1.55 4.58
CA ALA A 1 23.67 -2.75 5.25
C ALA A 1 22.32 -3.12 4.66
N SER A 2 21.81 -4.26 5.12
CA SER A 2 20.49 -4.76 4.74
C SER A 2 19.90 -5.37 6.02
N SER A 3 19.10 -4.58 6.74
CA SER A 3 18.59 -5.06 8.05
C SER A 3 17.09 -5.04 7.99
N PHE A 4 16.41 -5.43 9.10
CA PHE A 4 14.94 -5.32 8.98
C PHE A 4 14.52 -3.86 9.19
N VAL A 5 13.50 -3.39 8.45
CA VAL A 5 13.08 -2.01 8.61
C VAL A 5 12.40 -1.84 9.95
N THR A 6 12.83 -0.81 10.68
CA THR A 6 12.32 -0.51 12.01
C THR A 6 11.99 0.98 12.12
N ILE A 7 11.42 1.37 13.26
CA ILE A 7 11.11 2.73 13.64
C ILE A 7 12.07 3.20 14.72
N SER A 8 12.66 4.35 14.51
CA SER A 8 13.57 4.91 15.54
C SER A 8 12.99 6.29 15.82
N GLY A 9 12.52 6.51 17.07
CA GLY A 9 11.89 7.86 17.25
C GLY A 9 10.61 7.90 16.45
N THR A 10 10.25 8.94 15.71
CA THR A 10 9.08 8.94 14.87
C THR A 10 9.53 8.94 13.38
N GLN A 11 10.70 8.30 13.18
CA GLN A 11 11.23 8.16 11.84
C GLN A 11 11.46 6.70 11.52
N PHE A 12 11.61 6.41 10.23
CA PHE A 12 11.97 5.07 9.83
C PHE A 12 13.49 4.88 9.75
N ASN A 13 13.94 3.69 10.08
CA ASN A 13 15.35 3.29 9.99
C ASN A 13 15.40 2.21 8.91
N ILE A 14 15.95 2.57 7.75
CA ILE A 14 16.06 1.72 6.57
C ILE A 14 17.53 1.43 6.35
N ASP A 15 17.94 0.19 6.55
CA ASP A 15 19.34 -0.23 6.37
C ASP A 15 20.28 0.61 7.22
N GLY A 16 19.85 0.99 8.41
CA GLY A 16 20.70 1.74 9.33
C GLY A 16 20.65 3.23 9.22
N LYS A 17 19.97 3.73 8.18
CA LYS A 17 19.78 5.14 7.97
C LYS A 17 18.43 5.61 8.48
N VAL A 18 18.47 6.53 9.40
CA VAL A 18 17.25 7.08 10.00
C VAL A 18 16.96 8.40 9.33
N GLY A 19 15.76 8.51 8.76
CA GLY A 19 15.38 9.74 8.10
C GLY A 19 14.23 9.53 7.11
N TYR A 20 13.74 10.65 6.60
CA TYR A 20 12.62 10.68 5.66
C TYR A 20 12.95 9.88 4.39
N PHE A 21 11.95 9.21 3.81
CA PHE A 21 12.14 8.47 2.58
C PHE A 21 11.10 8.87 1.53
N ALA A 22 11.51 8.72 0.27
CA ALA A 22 10.54 8.79 -0.82
C ALA A 22 10.43 7.42 -1.47
N GLY A 23 9.20 7.04 -1.87
CA GLY A 23 8.98 5.80 -2.59
C GLY A 23 7.89 5.98 -3.66
N THR A 24 7.39 4.84 -4.16
CA THR A 24 6.38 4.89 -5.20
C THR A 24 5.47 3.68 -5.14
N ASN A 25 4.31 3.77 -5.75
CA ASN A 25 3.38 2.69 -5.93
C ASN A 25 3.65 2.01 -7.26
N CYS A 26 3.75 0.70 -7.28
CA CYS A 26 3.89 -0.09 -8.50
C CYS A 26 3.06 -1.34 -8.35
N TYR A 27 1.72 -1.21 -8.32
CA TYR A 27 0.89 -2.39 -8.02
C TYR A 27 1.19 -3.55 -8.98
N TRP A 28 1.43 -3.18 -10.22
CA TRP A 28 1.51 -4.07 -11.36
C TRP A 28 2.84 -4.82 -11.41
N CYS A 29 3.84 -4.39 -10.63
CA CYS A 29 5.12 -5.07 -10.59
C CYS A 29 4.96 -6.52 -10.17
N SER A 30 3.99 -6.81 -9.27
CA SER A 30 3.74 -8.16 -8.80
C SER A 30 3.22 -9.15 -9.83
N PHE A 31 2.71 -8.65 -10.99
CA PHE A 31 2.09 -9.50 -12.00
C PHE A 31 2.89 -9.62 -13.29
N LEU A 32 4.10 -9.07 -13.26
CA LEU A 32 4.98 -9.20 -14.43
C LEU A 32 5.44 -10.66 -14.53
N THR A 33 5.36 -11.23 -15.74
CA THR A 33 5.83 -12.63 -15.86
C THR A 33 7.24 -12.73 -16.41
N ASN A 34 7.75 -11.68 -17.02
CA ASN A 34 9.12 -11.67 -17.52
C ASN A 34 9.99 -11.07 -16.40
N HIS A 35 10.89 -11.87 -15.85
CA HIS A 35 11.82 -11.41 -14.82
C HIS A 35 12.63 -10.19 -15.20
N ALA A 36 13.00 -10.10 -16.46
CA ALA A 36 13.77 -8.95 -16.94
C ALA A 36 12.99 -7.65 -16.73
N ASP A 37 11.66 -7.68 -16.79
CA ASP A 37 10.87 -6.44 -16.66
C ASP A 37 10.80 -6.00 -15.21
N VAL A 38 10.81 -6.99 -14.29
CA VAL A 38 10.88 -6.62 -12.88
C VAL A 38 12.23 -5.93 -12.64
N ASP A 39 13.31 -6.54 -13.13
CA ASP A 39 14.63 -5.96 -12.86
C ASP A 39 14.81 -4.59 -13.50
N SER A 40 14.34 -4.37 -14.73
CA SER A 40 14.53 -3.05 -15.34
C SER A 40 13.76 -2.00 -14.56
N THR A 41 12.52 -2.36 -14.15
CA THR A 41 11.71 -1.40 -13.44
C THR A 41 12.35 -1.03 -12.09
N PHE A 42 12.75 -2.07 -11.33
CA PHE A 42 13.43 -1.85 -10.04
C PHE A 42 14.75 -1.12 -10.17
N SER A 43 15.50 -1.40 -11.24
CA SER A 43 16.72 -0.65 -11.45
C SER A 43 16.43 0.83 -11.59
N HIS A 44 15.36 1.18 -12.33
CA HIS A 44 15.01 2.58 -12.54
C HIS A 44 14.54 3.25 -11.26
N ILE A 45 13.72 2.52 -10.48
CA ILE A 45 13.27 3.06 -9.19
C ILE A 45 14.47 3.33 -8.27
N SER A 46 15.37 2.35 -8.15
CA SER A 46 16.56 2.47 -7.31
C SER A 46 17.47 3.60 -7.75
N SER A 47 17.73 3.68 -9.07
CA SER A 47 18.65 4.73 -9.56
C SER A 47 18.05 6.12 -9.43
N SER A 48 16.71 6.21 -9.34
CA SER A 48 16.04 7.49 -9.11
C SER A 48 16.17 7.94 -7.67
N GLY A 49 16.62 7.05 -6.77
CA GLY A 49 16.75 7.42 -5.37
C GLY A 49 15.59 7.07 -4.47
N LEU A 50 14.60 6.36 -5.00
CA LEU A 50 13.47 5.93 -4.16
C LEU A 50 13.90 4.67 -3.41
N LYS A 51 13.35 4.53 -2.21
CA LYS A 51 13.76 3.42 -1.34
C LYS A 51 12.74 2.34 -1.09
N VAL A 52 11.47 2.66 -1.33
CA VAL A 52 10.32 1.82 -0.99
C VAL A 52 9.34 1.75 -2.14
N VAL A 53 8.84 0.56 -2.43
CA VAL A 53 7.85 0.29 -3.46
C VAL A 53 6.65 -0.44 -2.86
N ARG A 54 5.45 0.02 -3.24
CA ARG A 54 4.19 -0.61 -2.81
C ARG A 54 3.68 -1.48 -3.94
N VAL A 55 3.52 -2.78 -3.70
CA VAL A 55 3.11 -3.74 -4.76
C VAL A 55 1.91 -4.54 -4.27
N TRP A 56 1.03 -4.97 -5.18
CA TRP A 56 -0.10 -5.80 -4.69
C TRP A 56 0.39 -7.17 -4.19
N GLY A 57 -0.10 -7.59 -3.02
CA GLY A 57 0.18 -8.94 -2.49
C GLY A 57 -0.98 -9.92 -2.71
N PHE A 58 -1.87 -9.59 -3.60
CA PHE A 58 -3.06 -10.32 -3.91
C PHE A 58 -3.34 -10.40 -5.41
N ASN A 59 -4.12 -11.41 -5.81
CA ASN A 59 -4.66 -11.54 -7.16
C ASN A 59 -5.67 -12.67 -7.02
N ASP A 60 -6.91 -12.24 -6.66
CA ASP A 60 -7.98 -13.13 -6.30
C ASP A 60 -8.94 -13.34 -7.46
N VAL A 61 -9.32 -14.58 -7.67
CA VAL A 61 -10.23 -14.98 -8.73
C VAL A 61 -11.31 -15.94 -8.16
N ASN A 62 -12.40 -16.05 -8.90
CA ASN A 62 -13.46 -17.03 -8.64
C ASN A 62 -13.41 -18.13 -9.69
N THR A 63 -12.93 -17.83 -10.88
CA THR A 63 -12.81 -18.78 -11.97
C THR A 63 -11.33 -18.75 -12.34
N GLN A 64 -10.72 -19.89 -12.59
CA GLN A 64 -9.30 -19.81 -12.98
C GLN A 64 -9.19 -19.12 -14.32
N PRO A 65 -8.16 -18.30 -14.47
CA PRO A 65 -8.00 -17.56 -15.70
C PRO A 65 -7.49 -18.51 -16.79
N SER A 66 -7.45 -17.96 -18.00
CA SER A 66 -6.88 -18.75 -19.08
C SER A 66 -5.51 -19.25 -18.64
N PRO A 67 -5.17 -20.46 -19.04
CA PRO A 67 -3.86 -21.04 -18.80
C PRO A 67 -2.76 -20.06 -19.18
N GLY A 68 -1.83 -19.80 -18.28
CA GLY A 68 -0.72 -18.87 -18.39
C GLY A 68 -0.91 -17.54 -17.66
N GLN A 69 -2.15 -17.18 -17.41
CA GLN A 69 -2.46 -15.94 -16.68
C GLN A 69 -2.18 -16.09 -15.19
N ILE A 70 -1.77 -14.99 -14.58
CA ILE A 70 -1.42 -15.01 -13.17
C ILE A 70 -2.66 -14.95 -12.27
N TRP A 71 -2.58 -15.79 -11.24
CA TRP A 71 -3.57 -15.79 -10.19
C TRP A 71 -2.92 -16.22 -8.88
N PHE A 72 -3.17 -15.57 -7.74
CA PHE A 72 -2.61 -16.02 -6.47
C PHE A 72 -3.57 -16.83 -5.63
N GLN A 73 -4.88 -16.65 -5.77
CA GLN A 73 -5.83 -17.40 -4.97
C GLN A 73 -7.16 -17.53 -5.71
N LYS A 74 -7.76 -18.71 -5.69
CA LYS A 74 -9.07 -18.99 -6.26
C LYS A 74 -9.99 -19.20 -5.06
N LEU A 75 -11.02 -18.38 -4.97
CA LEU A 75 -11.98 -18.40 -3.89
C LEU A 75 -13.27 -19.11 -4.34
N SER A 76 -13.59 -20.17 -3.62
CA SER A 76 -14.74 -21.00 -3.90
C SER A 76 -15.41 -21.44 -2.63
N ALA A 77 -16.74 -21.57 -2.68
CA ALA A 77 -17.53 -22.12 -1.61
C ALA A 77 -17.24 -23.58 -1.35
N THR A 78 -16.64 -24.29 -2.29
CA THR A 78 -16.36 -25.71 -2.09
C THR A 78 -14.89 -26.03 -1.93
N GLY A 79 -14.09 -25.05 -1.58
CA GLY A 79 -12.67 -25.26 -1.31
C GLY A 79 -11.88 -24.29 -2.20
N SER A 80 -11.12 -23.47 -1.50
CA SER A 80 -10.29 -22.45 -2.15
C SER A 80 -8.91 -23.02 -2.39
N THR A 81 -8.18 -22.40 -3.31
CA THR A 81 -6.84 -22.83 -3.67
C THR A 81 -5.87 -21.62 -3.70
N ILE A 82 -4.75 -21.75 -3.04
CA ILE A 82 -3.69 -20.74 -3.01
C ILE A 82 -2.64 -21.26 -4.00
N ASN A 83 -2.37 -20.48 -5.06
CA ASN A 83 -1.47 -20.87 -6.12
C ASN A 83 0.00 -20.55 -5.83
N THR A 84 0.80 -21.59 -5.54
CA THR A 84 2.21 -21.41 -5.29
C THR A 84 3.06 -21.87 -6.49
N GLY A 85 2.43 -22.01 -7.64
CA GLY A 85 3.15 -22.41 -8.85
C GLY A 85 3.69 -21.20 -9.62
N ALA A 86 4.22 -21.49 -10.81
CA ALA A 86 4.90 -20.51 -11.63
C ALA A 86 4.01 -19.36 -12.06
N ASP A 87 2.75 -19.58 -12.30
CA ASP A 87 1.74 -18.60 -12.64
C ASP A 87 1.03 -18.09 -11.38
N GLY A 88 1.61 -18.35 -10.21
CA GLY A 88 1.07 -17.88 -8.95
C GLY A 88 2.09 -17.11 -8.13
N LEU A 89 2.23 -17.40 -6.85
CA LEU A 89 3.09 -16.69 -5.92
C LEU A 89 4.57 -16.73 -6.24
N GLN A 90 5.01 -17.64 -7.15
CA GLN A 90 6.38 -17.58 -7.62
C GLN A 90 6.64 -16.26 -8.33
N THR A 91 5.65 -15.60 -8.91
CA THR A 91 5.85 -14.28 -9.54
C THR A 91 6.21 -13.26 -8.47
N LEU A 92 5.48 -13.29 -7.33
CA LEU A 92 5.81 -12.39 -6.20
C LEU A 92 7.14 -12.74 -5.57
N ASP A 93 7.55 -14.03 -5.57
CA ASP A 93 8.86 -14.38 -5.05
C ASP A 93 9.99 -13.65 -5.79
N TYR A 94 9.87 -13.57 -7.12
CA TYR A 94 10.91 -12.89 -7.88
C TYR A 94 10.94 -11.40 -7.60
N VAL A 95 9.77 -10.80 -7.34
CA VAL A 95 9.67 -9.40 -6.95
C VAL A 95 10.42 -9.14 -5.66
N VAL A 96 10.21 -10.01 -4.66
CA VAL A 96 10.93 -9.85 -3.41
C VAL A 96 12.44 -10.09 -3.63
N GLN A 97 12.86 -11.07 -4.42
CA GLN A 97 14.27 -11.32 -4.76
C GLN A 97 14.89 -10.10 -5.42
N SER A 98 14.14 -9.47 -6.35
CA SER A 98 14.65 -8.32 -7.06
C SER A 98 14.75 -7.08 -6.18
N ALA A 99 13.80 -6.95 -5.25
CA ALA A 99 13.88 -5.89 -4.26
C ALA A 99 15.14 -6.10 -3.40
N GLU A 100 15.43 -7.33 -2.98
CA GLU A 100 16.66 -7.65 -2.20
C GLU A 100 17.90 -7.27 -3.01
N GLN A 101 17.89 -7.54 -4.31
CA GLN A 101 19.04 -7.24 -5.15
C GLN A 101 19.24 -5.74 -5.31
N HIS A 102 18.15 -5.00 -5.53
CA HIS A 102 18.17 -3.57 -5.82
C HIS A 102 18.15 -2.64 -4.62
N ASN A 103 18.23 -3.23 -3.44
CA ASN A 103 18.25 -2.46 -2.20
C ASN A 103 16.97 -1.62 -2.04
N LEU A 104 15.86 -2.29 -2.33
CA LEU A 104 14.53 -1.70 -2.17
C LEU A 104 13.74 -2.44 -1.10
N LYS A 105 12.81 -1.72 -0.47
CA LYS A 105 11.92 -2.34 0.53
C LYS A 105 10.50 -2.30 -0.04
N LEU A 106 9.65 -3.26 0.34
CA LEU A 106 8.31 -3.40 -0.19
C LEU A 106 7.21 -3.27 0.87
N ILE A 107 6.15 -2.55 0.52
CA ILE A 107 4.89 -2.56 1.30
C ILE A 107 3.94 -3.46 0.53
N ILE A 108 3.39 -4.49 1.23
CA ILE A 108 2.55 -5.51 0.56
C ILE A 108 1.21 -5.68 1.23
N PRO A 109 0.11 -5.16 0.68
CA PRO A 109 -1.24 -5.43 1.17
C PRO A 109 -1.73 -6.80 0.73
N PHE A 110 -2.62 -7.43 1.57
CA PHE A 110 -3.10 -8.78 1.35
C PHE A 110 -4.41 -8.95 0.63
N VAL A 111 -5.20 -7.87 0.55
CA VAL A 111 -6.51 -7.95 -0.10
C VAL A 111 -6.86 -6.52 -0.59
N ASN A 112 -7.65 -6.40 -1.65
CA ASN A 112 -8.13 -5.11 -2.11
C ASN A 112 -9.52 -4.84 -1.51
N ASN A 113 -9.78 -3.58 -1.10
CA ASN A 113 -11.15 -3.20 -0.79
C ASN A 113 -11.99 -3.23 -2.06
N TRP A 114 -11.41 -2.79 -3.18
CA TRP A 114 -12.02 -2.67 -4.48
C TRP A 114 -12.00 -3.95 -5.28
N SER A 115 -12.83 -4.06 -6.34
CA SER A 115 -12.94 -5.32 -7.06
C SER A 115 -11.85 -5.59 -8.08
N ASP A 116 -10.88 -4.67 -8.21
CA ASP A 116 -9.76 -4.91 -9.08
C ASP A 116 -8.89 -6.02 -8.52
N TYR A 117 -8.59 -7.02 -9.37
CA TYR A 117 -7.83 -8.20 -8.90
C TYR A 117 -8.54 -8.91 -7.75
N GLY A 118 -9.88 -8.93 -7.90
CA GLY A 118 -10.79 -9.69 -7.07
C GLY A 118 -11.40 -8.96 -5.92
N GLY A 119 -10.55 -8.68 -4.93
CA GLY A 119 -10.93 -7.91 -3.78
C GLY A 119 -11.95 -8.60 -2.88
N ILE A 120 -12.48 -7.77 -1.97
CA ILE A 120 -13.53 -8.21 -1.08
C ILE A 120 -14.65 -8.82 -1.92
N ASN A 121 -14.97 -8.25 -3.09
CA ASN A 121 -16.06 -8.81 -3.90
C ASN A 121 -15.80 -10.26 -4.28
N ALA A 122 -14.55 -10.68 -4.52
CA ALA A 122 -14.27 -12.08 -4.87
C ALA A 122 -14.58 -13.00 -3.68
N TYR A 123 -14.33 -12.52 -2.45
CA TYR A 123 -14.70 -13.28 -1.26
C TYR A 123 -16.21 -13.30 -1.12
N VAL A 124 -16.91 -12.20 -1.38
CA VAL A 124 -18.38 -12.19 -1.29
C VAL A 124 -18.98 -13.17 -2.29
N ASN A 125 -18.43 -13.32 -3.50
CA ASN A 125 -18.95 -14.25 -4.50
C ASN A 125 -18.87 -15.69 -3.98
N ALA A 126 -17.79 -16.01 -3.26
CA ALA A 126 -17.60 -17.34 -2.74
C ALA A 126 -18.32 -17.61 -1.43
N PHE A 127 -18.33 -16.67 -0.51
CA PHE A 127 -18.74 -16.84 0.87
C PHE A 127 -20.00 -16.14 1.30
N GLY A 128 -20.64 -15.44 0.36
CA GLY A 128 -21.89 -14.75 0.64
C GLY A 128 -21.74 -13.48 1.43
N GLY A 129 -22.84 -12.97 1.98
CA GLY A 129 -22.84 -11.69 2.65
C GLY A 129 -22.71 -10.57 1.61
N ASN A 130 -22.08 -9.48 2.08
CA ASN A 130 -21.82 -8.33 1.21
C ASN A 130 -20.51 -7.67 1.62
N ALA A 131 -20.17 -6.53 0.96
CA ALA A 131 -18.89 -5.91 1.24
C ALA A 131 -18.67 -5.37 2.62
N THR A 132 -19.72 -5.15 3.40
CA THR A 132 -19.57 -4.64 4.77
C THR A 132 -19.64 -5.77 5.78
N THR A 133 -20.34 -6.86 5.48
CA THR A 133 -20.34 -8.01 6.36
C THR A 133 -19.10 -8.87 6.16
N TRP A 134 -18.27 -8.58 5.15
CA TRP A 134 -17.05 -9.35 4.91
C TRP A 134 -16.15 -9.44 6.13
N TYR A 135 -16.02 -8.35 6.87
CA TYR A 135 -15.14 -8.24 8.04
C TYR A 135 -15.44 -9.25 9.15
N THR A 136 -16.73 -9.67 9.19
CA THR A 136 -17.16 -10.62 10.22
C THR A 136 -17.77 -11.88 9.61
N ASN A 137 -17.50 -12.19 8.38
CA ASN A 137 -17.94 -13.41 7.70
C ASN A 137 -16.91 -14.49 8.00
N THR A 138 -17.32 -15.49 8.83
CA THR A 138 -16.33 -16.46 9.31
C THR A 138 -15.61 -17.20 8.19
N ALA A 139 -16.35 -17.69 7.20
CA ALA A 139 -15.68 -18.40 6.09
C ALA A 139 -14.73 -17.48 5.33
N ALA A 140 -15.17 -16.23 5.07
CA ALA A 140 -14.29 -15.34 4.33
C ALA A 140 -13.03 -14.98 5.11
N GLN A 141 -13.17 -14.75 6.40
CA GLN A 141 -12.04 -14.39 7.25
C GLN A 141 -11.08 -15.59 7.44
N THR A 142 -11.63 -16.79 7.52
CA THR A 142 -10.80 -17.97 7.64
C THR A 142 -9.91 -18.18 6.41
N GLN A 143 -10.50 -17.95 5.23
CA GLN A 143 -9.68 -18.05 4.01
C GLN A 143 -8.72 -16.89 3.90
N TYR A 144 -9.19 -15.68 4.19
CA TYR A 144 -8.27 -14.52 4.17
C TYR A 144 -7.07 -14.78 5.05
N ARG A 145 -7.27 -15.27 6.30
CA ARG A 145 -6.12 -15.54 7.18
C ARG A 145 -5.24 -16.67 6.66
N LYS A 146 -5.80 -17.66 5.98
CA LYS A 146 -4.99 -18.71 5.34
C LYS A 146 -4.10 -18.06 4.26
N TYR A 147 -4.69 -17.10 3.53
CA TYR A 147 -3.90 -16.43 2.50
C TYR A 147 -2.82 -15.54 3.11
N VAL A 148 -3.12 -14.81 4.16
CA VAL A 148 -2.13 -14.04 4.91
C VAL A 148 -0.98 -14.96 5.34
N GLN A 149 -1.27 -16.12 5.95
CA GLN A 149 -0.22 -17.04 6.34
C GLN A 149 0.64 -17.51 5.17
N ALA A 150 0.02 -17.74 4.04
CA ALA A 150 0.72 -18.21 2.86
C ALA A 150 1.70 -17.17 2.34
N VAL A 151 1.32 -15.88 2.41
CA VAL A 151 2.23 -14.85 1.90
C VAL A 151 3.28 -14.54 2.96
N VAL A 152 2.86 -14.28 4.20
CA VAL A 152 3.83 -13.91 5.24
C VAL A 152 4.88 -14.98 5.45
N SER A 153 4.50 -16.25 5.43
CA SER A 153 5.51 -17.31 5.69
C SER A 153 6.58 -17.39 4.62
N ARG A 154 6.29 -16.90 3.42
CA ARG A 154 7.32 -16.94 2.39
C ARG A 154 8.43 -15.95 2.65
N TYR A 155 8.05 -14.78 3.21
CA TYR A 155 9.01 -13.67 3.26
C TYR A 155 9.31 -13.16 4.65
N ALA A 156 8.89 -13.91 5.71
CA ALA A 156 9.03 -13.44 7.07
C ALA A 156 10.46 -13.10 7.49
N ASN A 157 11.44 -13.79 6.91
CA ASN A 157 12.82 -13.57 7.27
C ASN A 157 13.61 -12.79 6.23
N SER A 158 12.87 -12.19 5.28
CA SER A 158 13.53 -11.35 4.27
C SER A 158 13.69 -9.91 4.76
N THR A 159 14.84 -9.30 4.57
CA THR A 159 15.02 -7.89 4.94
C THR A 159 14.41 -6.94 3.90
N ALA A 160 13.84 -7.44 2.82
CA ALA A 160 13.25 -6.52 1.85
C ALA A 160 11.82 -6.13 2.11
N ILE A 161 11.18 -6.64 3.15
CA ILE A 161 9.81 -6.23 3.43
C ILE A 161 9.84 -4.99 4.34
N PHE A 162 9.27 -3.89 3.85
CA PHE A 162 9.08 -2.66 4.62
C PHE A 162 8.00 -2.88 5.71
N ALA A 163 6.85 -3.33 5.24
CA ALA A 163 5.73 -3.63 6.13
C ALA A 163 4.72 -4.53 5.39
N TRP A 164 4.04 -5.33 6.23
CA TRP A 164 2.81 -6.02 5.84
C TRP A 164 1.67 -4.99 6.00
N GLU A 165 0.67 -5.10 5.10
CA GLU A 165 -0.44 -4.17 5.08
C GLU A 165 -1.74 -4.95 4.99
N LEU A 166 -2.66 -4.64 5.96
CA LEU A 166 -3.86 -5.50 6.01
C LEU A 166 -4.68 -5.46 4.74
N GLY A 167 -4.81 -4.31 4.10
CA GLY A 167 -5.51 -4.32 2.82
C GLY A 167 -5.23 -2.99 2.10
N ASN A 168 -5.67 -2.94 0.83
CA ASN A 168 -5.61 -1.67 0.10
C ASN A 168 -6.93 -0.93 0.29
N GLU A 169 -6.85 0.18 1.00
CA GLU A 169 -7.95 1.10 1.23
C GLU A 169 -9.22 0.48 1.82
N PRO A 170 -9.09 -0.32 2.89
CA PRO A 170 -10.28 -0.92 3.49
C PRO A 170 -11.29 0.16 3.88
N ARG A 171 -12.57 -0.11 3.57
CA ARG A 171 -13.69 0.74 3.97
C ARG A 171 -14.82 -0.17 4.45
N CYS A 172 -15.73 0.40 5.22
CA CYS A 172 -16.98 -0.30 5.61
C CYS A 172 -18.06 0.78 5.49
N ASN A 173 -18.55 0.96 4.28
CA ASN A 173 -19.48 2.05 4.01
C ASN A 173 -20.70 2.07 4.92
N GLY A 174 -20.89 3.20 5.63
CA GLY A 174 -22.02 3.32 6.52
C GLY A 174 -21.93 2.51 7.80
N CYS A 175 -20.80 1.80 8.02
CA CYS A 175 -20.71 0.98 9.23
C CYS A 175 -20.26 1.77 10.44
N SER A 176 -20.49 1.21 11.64
CA SER A 176 -19.84 1.72 12.85
C SER A 176 -18.34 1.64 12.58
N THR A 177 -17.59 2.62 13.04
CA THR A 177 -16.13 2.58 12.85
C THR A 177 -15.47 1.47 13.68
N ASP A 178 -16.18 0.89 14.65
CA ASP A 178 -15.63 -0.19 15.44
C ASP A 178 -15.46 -1.48 14.65
N VAL A 179 -16.19 -1.70 13.54
CA VAL A 179 -16.00 -2.92 12.77
C VAL A 179 -14.56 -3.03 12.28
N ILE A 180 -14.05 -2.01 11.62
CA ILE A 180 -12.64 -2.04 11.18
C ILE A 180 -11.71 -1.95 12.36
N VAL A 181 -12.04 -1.22 13.47
CA VAL A 181 -11.10 -1.30 14.60
C VAL A 181 -10.92 -2.74 15.10
N GLN A 182 -12.01 -3.46 15.32
CA GLN A 182 -11.87 -4.81 15.85
C GLN A 182 -11.21 -5.77 14.88
N TRP A 183 -11.55 -5.67 13.59
CA TRP A 183 -10.94 -6.53 12.58
C TRP A 183 -9.44 -6.23 12.49
N ALA A 184 -9.11 -4.92 12.40
CA ALA A 184 -7.69 -4.57 12.27
C ALA A 184 -6.87 -4.98 13.48
N THR A 185 -7.44 -4.89 14.66
CA THR A 185 -6.80 -5.34 15.89
C THR A 185 -6.49 -6.83 15.81
N SER A 186 -7.53 -7.62 15.50
CA SER A 186 -7.34 -9.08 15.43
C SER A 186 -6.38 -9.51 14.32
N VAL A 187 -6.53 -8.95 13.11
CA VAL A 187 -5.67 -9.41 12.02
C VAL A 187 -4.25 -8.92 12.24
N SER A 188 -4.02 -7.72 12.75
CA SER A 188 -2.59 -7.31 12.95
C SER A 188 -1.95 -8.15 14.02
N GLN A 189 -2.69 -8.48 15.10
CA GLN A 189 -2.18 -9.44 16.09
C GLN A 189 -1.77 -10.76 15.45
N TYR A 190 -2.61 -11.25 14.51
CA TYR A 190 -2.29 -12.50 13.80
C TYR A 190 -1.00 -12.37 13.00
N VAL A 191 -0.86 -11.26 12.22
CA VAL A 191 0.38 -11.08 11.46
C VAL A 191 1.59 -11.04 12.37
N LYS A 192 1.49 -10.36 13.51
CA LYS A 192 2.63 -10.31 14.46
C LYS A 192 2.95 -11.70 15.02
N SER A 193 1.95 -12.59 15.12
CA SER A 193 2.17 -13.96 15.55
C SER A 193 2.90 -14.84 14.54
N LEU A 194 2.88 -14.40 13.27
CA LEU A 194 3.55 -15.12 12.20
C LEU A 194 4.95 -14.58 11.91
N ASP A 195 5.19 -13.36 12.31
CA ASP A 195 6.42 -12.66 11.91
C ASP A 195 6.67 -11.56 12.94
N SER A 196 7.78 -11.68 13.69
CA SER A 196 8.16 -10.67 14.66
C SER A 196 9.27 -9.74 14.19
N ASN A 197 9.63 -9.89 12.89
CA ASN A 197 10.68 -9.04 12.33
C ASN A 197 10.16 -7.76 11.68
N HIS A 198 8.92 -7.81 11.21
CA HIS A 198 8.42 -6.71 10.36
C HIS A 198 7.33 -5.84 10.93
N LEU A 199 7.29 -4.60 10.45
CA LEU A 199 6.27 -3.61 10.74
C LEU A 199 4.95 -4.00 10.07
N VAL A 200 3.81 -3.61 10.65
CA VAL A 200 2.46 -3.86 10.13
C VAL A 200 1.69 -2.53 10.10
N THR A 201 0.88 -2.33 9.06
CA THR A 201 0.06 -1.12 8.92
C THR A 201 -1.30 -1.51 8.32
N LEU A 202 -2.27 -0.59 8.40
CA LEU A 202 -3.62 -0.89 7.95
C LEU A 202 -3.77 -0.80 6.42
N GLY A 203 -3.27 0.29 5.79
CA GLY A 203 -3.47 0.54 4.38
C GLY A 203 -4.67 1.40 4.03
N ASP A 204 -5.34 1.94 5.06
CA ASP A 204 -6.47 2.83 4.83
C ASP A 204 -6.07 4.15 4.21
N GLU A 205 -7.07 4.85 3.68
CA GLU A 205 -6.93 6.16 3.08
C GLU A 205 -6.84 7.31 4.05
N GLY A 206 -7.14 7.05 5.34
CA GLY A 206 -7.12 8.06 6.36
C GLY A 206 -8.45 8.75 6.59
N LEU A 207 -9.54 8.18 6.04
CA LEU A 207 -10.83 8.86 6.22
C LEU A 207 -11.29 8.84 7.67
N GLY A 208 -12.00 9.88 8.08
CA GLY A 208 -12.57 10.05 9.39
C GLY A 208 -11.59 10.67 10.37
N LEU A 209 -11.56 11.99 10.44
CA LEU A 209 -10.64 12.72 11.32
C LEU A 209 -11.27 14.07 11.63
N SER A 210 -11.48 14.35 12.90
CA SER A 210 -12.29 15.50 13.31
C SER A 210 -11.61 16.85 13.34
N THR A 211 -10.31 16.89 13.06
CA THR A 211 -9.54 18.11 13.10
C THR A 211 -9.47 18.85 11.76
N GLY A 212 -10.20 18.38 10.77
CA GLY A 212 -10.25 18.94 9.45
C GLY A 212 -11.31 20.02 9.26
N ASP A 213 -11.69 20.19 7.99
CA ASP A 213 -12.63 21.24 7.61
C ASP A 213 -14.03 20.72 7.36
N GLY A 214 -14.32 19.46 7.67
CA GLY A 214 -15.67 18.95 7.47
C GLY A 214 -15.99 18.46 6.10
N ALA A 215 -15.06 18.50 5.15
CA ALA A 215 -15.31 17.89 3.84
C ALA A 215 -15.56 16.39 4.04
N TYR A 216 -16.25 15.74 3.09
CA TYR A 216 -16.59 14.33 3.23
C TYR A 216 -15.47 13.41 3.65
N PRO A 217 -14.24 13.52 3.14
CA PRO A 217 -13.19 12.59 3.58
C PRO A 217 -12.89 12.68 5.05
N TYR A 218 -13.12 13.83 5.71
CA TYR A 218 -12.92 13.92 7.17
C TYR A 218 -14.13 13.38 7.96
N THR A 219 -15.29 13.16 7.33
CA THR A 219 -16.43 12.62 8.08
C THR A 219 -16.28 11.10 8.23
N TYR A 220 -17.26 10.49 8.89
CA TYR A 220 -17.27 9.06 9.23
C TYR A 220 -18.32 8.31 8.44
N GLY A 221 -18.34 8.46 7.11
CA GLY A 221 -19.23 7.76 6.25
C GLY A 221 -18.70 6.45 5.68
N GLU A 222 -17.38 6.21 5.81
CA GLU A 222 -16.74 5.05 5.25
C GLU A 222 -16.25 4.05 6.26
N GLY A 223 -16.78 4.15 7.49
CA GLY A 223 -16.45 3.15 8.51
C GLY A 223 -15.07 3.23 9.11
N THR A 224 -14.33 4.29 8.87
CA THR A 224 -12.98 4.38 9.45
C THR A 224 -12.86 5.62 10.31
N ASP A 225 -12.11 5.52 11.42
CA ASP A 225 -11.75 6.59 12.35
C ASP A 225 -10.21 6.53 12.45
N PHE A 226 -9.58 7.49 11.80
CA PHE A 226 -8.13 7.50 11.72
C PHE A 226 -7.43 7.48 13.07
N ALA A 227 -7.82 8.35 13.98
CA ALA A 227 -7.18 8.39 15.30
C ALA A 227 -7.41 7.11 16.07
N LYS A 228 -8.56 6.49 15.94
CA LYS A 228 -8.79 5.21 16.64
C LYS A 228 -7.91 4.12 16.04
N ASN A 229 -7.80 4.07 14.70
CA ASN A 229 -7.02 3.03 14.06
C ASN A 229 -5.53 3.13 14.35
N VAL A 230 -5.01 4.36 14.34
CA VAL A 230 -3.55 4.45 14.56
C VAL A 230 -3.15 4.19 16.00
N GLN A 231 -4.07 4.17 16.94
CA GLN A 231 -3.76 3.83 18.32
C GLN A 231 -3.72 2.34 18.56
N ILE A 232 -4.10 1.48 17.61
CA ILE A 232 -4.03 0.04 17.75
C ILE A 232 -2.57 -0.35 17.96
N LYS A 233 -2.27 -1.13 19.02
CA LYS A 233 -0.93 -1.43 19.43
C LYS A 233 -0.12 -2.20 18.40
N SER A 234 -0.81 -3.11 17.69
CA SER A 234 -0.19 -3.97 16.71
C SER A 234 -0.12 -3.38 15.31
N LEU A 235 -0.43 -2.09 15.18
CA LEU A 235 -0.16 -1.31 13.96
C LEU A 235 0.97 -0.35 14.29
N ASP A 236 2.06 -0.36 13.51
CA ASP A 236 3.26 0.40 13.88
C ASP A 236 3.31 1.82 13.34
N PHE A 237 2.55 2.14 12.30
CA PHE A 237 2.53 3.46 11.68
C PHE A 237 1.21 3.64 10.96
N GLY A 238 0.88 4.90 10.69
CA GLY A 238 -0.38 5.21 10.01
C GLY A 238 -0.14 5.42 8.53
N THR A 239 -1.17 5.16 7.75
CA THR A 239 -1.17 5.43 6.31
C THR A 239 -2.32 6.39 5.98
N PHE A 240 -2.13 7.21 4.97
CA PHE A 240 -3.24 7.99 4.39
C PHE A 240 -2.96 8.25 2.92
N HIS A 241 -4.04 8.35 2.16
CA HIS A 241 -3.98 8.53 0.70
C HIS A 241 -4.67 9.87 0.34
N LEU A 242 -4.53 10.34 -0.92
CA LEU A 242 -5.05 11.67 -1.22
C LEU A 242 -5.43 11.79 -2.71
N TYR A 243 -6.74 11.99 -2.99
CA TYR A 243 -7.23 12.16 -4.35
C TYR A 243 -8.33 13.20 -4.45
N PRO A 244 -7.96 14.49 -4.47
CA PRO A 244 -8.94 15.58 -4.60
C PRO A 244 -9.87 15.44 -5.81
N ASP A 245 -9.36 14.94 -6.94
CA ASP A 245 -10.20 14.75 -8.13
C ASP A 245 -11.29 13.71 -7.98
N SER A 246 -11.05 12.72 -7.10
CA SER A 246 -12.05 11.70 -6.86
C SER A 246 -12.98 12.09 -5.72
N TRP A 247 -12.51 13.01 -4.88
CA TRP A 247 -13.20 13.31 -3.63
C TRP A 247 -13.96 14.63 -3.60
N GLY A 248 -13.92 15.34 -4.71
CA GLY A 248 -14.64 16.61 -4.84
C GLY A 248 -14.05 17.78 -4.09
N THR A 249 -12.75 17.74 -3.76
CA THR A 249 -12.08 18.84 -3.09
C THR A 249 -11.10 19.49 -4.10
N ASN A 250 -10.59 20.65 -3.72
CA ASN A 250 -9.59 21.26 -4.62
C ASN A 250 -8.22 20.70 -4.26
N TYR A 251 -7.21 20.93 -5.07
CA TYR A 251 -5.89 20.36 -4.85
C TYR A 251 -5.21 20.94 -3.64
N THR A 252 -5.31 22.24 -3.38
CA THR A 252 -4.64 22.88 -2.26
C THR A 252 -5.15 22.41 -0.90
N TRP A 253 -6.36 21.90 -0.85
CA TRP A 253 -6.91 21.27 0.37
C TRP A 253 -6.05 20.10 0.80
N GLY A 254 -5.28 19.51 -0.11
CA GLY A 254 -4.41 18.40 0.23
C GLY A 254 -3.34 18.74 1.27
N ASN A 255 -2.89 19.98 1.35
CA ASN A 255 -1.90 20.37 2.33
C ASN A 255 -2.42 20.20 3.75
N GLY A 256 -3.63 20.67 3.98
CA GLY A 256 -4.27 20.49 5.29
C GLY A 256 -4.56 19.02 5.59
N TRP A 257 -4.89 18.22 4.58
CA TRP A 257 -5.07 16.78 4.77
C TRP A 257 -3.79 16.14 5.25
N ILE A 258 -2.62 16.52 4.72
CA ILE A 258 -1.35 15.98 5.19
C ILE A 258 -1.08 16.44 6.63
N GLN A 259 -1.27 17.72 6.92
CA GLN A 259 -0.98 18.28 8.23
C GLN A 259 -1.82 17.65 9.33
N THR A 260 -3.13 17.45 9.07
CA THR A 260 -3.97 16.90 10.12
C THR A 260 -3.63 15.47 10.39
N HIS A 261 -3.33 14.68 9.35
CA HIS A 261 -2.97 13.27 9.54
C HIS A 261 -1.65 13.15 10.24
N ALA A 262 -0.64 13.94 9.84
CA ALA A 262 0.65 13.92 10.51
C ALA A 262 0.55 14.17 12.02
N ALA A 263 -0.29 15.15 12.35
CA ALA A 263 -0.48 15.45 13.77
C ALA A 263 -1.13 14.30 14.51
N ALA A 264 -2.09 13.61 13.89
CA ALA A 264 -2.72 12.46 14.53
C ALA A 264 -1.76 11.30 14.71
N CYS A 265 -0.86 11.05 13.74
CA CYS A 265 0.15 10.03 13.91
C CYS A 265 1.09 10.40 15.06
N LEU A 266 1.55 11.64 15.08
CA LEU A 266 2.51 12.09 16.11
C LEU A 266 1.86 12.06 17.47
N ALA A 267 0.57 12.36 17.56
CA ALA A 267 -0.14 12.26 18.85
C ALA A 267 -0.22 10.82 19.34
N ALA A 268 -0.26 9.83 18.43
CA ALA A 268 -0.25 8.42 18.77
C ALA A 268 1.15 7.85 18.92
N GLY A 269 2.17 8.71 18.80
CA GLY A 269 3.55 8.38 18.96
C GLY A 269 4.27 7.61 17.87
N LYS A 270 3.71 7.73 16.65
CA LYS A 270 4.14 6.94 15.51
C LYS A 270 4.28 7.78 14.25
N PRO A 271 5.10 7.32 13.30
CA PRO A 271 5.14 7.99 12.00
C PRO A 271 3.89 7.74 11.19
N CYS A 272 3.65 8.62 10.20
CA CYS A 272 2.65 8.50 9.16
C CYS A 272 3.45 8.29 7.82
N VAL A 273 2.82 7.54 6.93
CA VAL A 273 3.27 7.38 5.55
C VAL A 273 2.16 7.93 4.63
N PHE A 274 2.50 8.91 3.82
CA PHE A 274 1.65 9.52 2.79
C PHE A 274 1.76 8.53 1.63
N GLU A 275 0.87 7.55 1.61
CA GLU A 275 1.12 6.30 0.89
C GLU A 275 0.60 6.23 -0.54
N GLU A 276 -0.39 7.09 -0.87
CA GLU A 276 -0.83 7.25 -2.24
C GLU A 276 -1.22 8.71 -2.43
N TYR A 277 -0.96 9.27 -3.59
CA TYR A 277 -1.49 10.60 -3.94
C TYR A 277 -1.33 10.79 -5.45
N GLY A 278 -2.24 11.61 -5.98
CA GLY A 278 -2.14 11.95 -7.41
C GLY A 278 -3.09 13.10 -7.73
N ALA A 279 -2.78 13.74 -8.87
CA ALA A 279 -3.63 14.79 -9.45
C ALA A 279 -3.76 14.46 -10.94
N GLN A 280 -4.98 14.53 -11.48
CA GLN A 280 -5.12 14.21 -12.92
C GLN A 280 -4.71 15.41 -13.77
N GLN A 281 -4.98 16.61 -13.28
CA GLN A 281 -4.64 17.81 -14.02
C GLN A 281 -3.38 18.44 -13.47
N ASN A 282 -2.44 18.85 -14.34
CA ASN A 282 -1.24 19.58 -13.94
C ASN A 282 -0.58 19.02 -12.68
N PRO A 283 -0.12 17.79 -12.76
CA PRO A 283 0.49 17.10 -11.60
C PRO A 283 1.75 17.74 -11.09
N CYS A 284 2.60 18.30 -11.96
CA CYS A 284 3.80 18.96 -11.42
C CYS A 284 3.44 20.18 -10.56
N THR A 285 2.52 21.03 -11.08
CA THR A 285 2.08 22.17 -10.30
C THR A 285 1.34 21.83 -9.02
N ASN A 286 0.42 20.88 -9.12
CA ASN A 286 -0.47 20.57 -8.02
C ASN A 286 0.11 19.63 -6.97
N GLU A 287 0.99 18.70 -7.33
CA GLU A 287 1.51 17.73 -6.38
C GLU A 287 2.80 18.16 -5.69
N ALA A 288 3.62 19.03 -6.34
CA ALA A 288 4.83 19.50 -5.70
C ALA A 288 4.64 20.10 -4.33
N PRO A 289 3.61 20.95 -4.13
CA PRO A 289 3.38 21.50 -2.81
C PRO A 289 3.11 20.44 -1.76
N TRP A 290 2.40 19.38 -2.17
CA TRP A 290 2.12 18.29 -1.23
C TRP A 290 3.39 17.59 -0.76
N GLN A 291 4.29 17.37 -1.72
CA GLN A 291 5.58 16.74 -1.40
C GLN A 291 6.38 17.61 -0.42
N THR A 292 6.37 18.93 -0.64
CA THR A 292 7.05 19.82 0.30
C THR A 292 6.37 19.84 1.66
N THR A 293 5.05 19.86 1.71
CA THR A 293 4.36 19.83 2.99
C THR A 293 4.70 18.57 3.75
N SER A 294 4.68 17.42 3.07
CA SER A 294 5.02 16.16 3.75
C SER A 294 6.43 16.14 4.28
N LEU A 295 7.41 16.60 3.47
CA LEU A 295 8.81 16.61 3.87
C LEU A 295 9.05 17.51 5.07
N THR A 296 8.28 18.58 5.22
CA THR A 296 8.52 19.55 6.27
C THR A 296 7.55 19.50 7.44
N THR A 297 6.72 18.45 7.53
CA THR A 297 5.78 18.35 8.64
C THR A 297 6.16 17.25 9.62
N ARG A 298 6.25 17.65 10.91
CA ARG A 298 6.60 16.67 11.94
C ARG A 298 5.53 15.56 11.98
N GLY A 299 5.99 14.33 12.14
CA GLY A 299 5.06 13.19 12.16
C GLY A 299 5.09 12.42 10.84
N MET A 300 5.53 13.05 9.75
CA MET A 300 5.61 12.35 8.48
C MET A 300 6.95 11.62 8.31
N GLY A 301 6.91 10.33 8.06
CA GLY A 301 8.08 9.53 7.81
C GLY A 301 8.48 9.31 6.37
N GLY A 302 7.53 9.53 5.44
CA GLY A 302 7.86 9.34 4.04
C GLY A 302 6.59 9.51 3.20
N ASP A 303 6.81 9.51 1.89
CA ASP A 303 5.72 9.67 0.93
C ASP A 303 5.95 8.83 -0.33
N MET A 304 4.80 8.38 -0.91
CA MET A 304 4.83 7.46 -2.07
C MET A 304 3.75 7.87 -3.06
N PHE A 305 4.14 8.46 -4.19
CA PHE A 305 3.17 8.88 -5.18
C PHE A 305 2.52 7.68 -5.87
N TRP A 306 1.31 7.91 -6.36
CA TRP A 306 0.61 6.96 -7.26
C TRP A 306 0.67 7.57 -8.65
N GLN A 307 1.37 6.96 -9.59
CA GLN A 307 2.04 5.69 -9.54
C GLN A 307 3.19 5.62 -10.58
N TRP A 308 4.09 4.69 -10.39
CA TRP A 308 5.19 4.50 -11.34
C TRP A 308 4.65 3.98 -12.66
N GLY A 309 5.18 4.49 -13.78
CA GLY A 309 4.97 3.93 -15.10
C GLY A 309 6.35 3.62 -15.71
N ASP A 310 6.41 2.51 -16.47
CA ASP A 310 7.70 2.18 -17.07
C ASP A 310 7.45 1.41 -18.35
N THR A 311 8.52 1.13 -19.08
CA THR A 311 8.46 0.42 -20.35
C THR A 311 9.56 -0.63 -20.35
N PHE A 312 9.43 -1.65 -21.17
CA PHE A 312 10.20 -2.88 -21.12
C PHE A 312 11.09 -3.06 -22.35
N ALA A 313 11.99 -4.04 -22.25
CA ALA A 313 12.95 -4.24 -23.35
C ALA A 313 12.27 -4.61 -24.66
N ASN A 314 11.12 -5.25 -24.64
CA ASN A 314 10.43 -5.61 -25.87
C ASN A 314 9.59 -4.48 -26.48
N GLY A 315 9.57 -3.30 -25.85
CA GLY A 315 8.81 -2.19 -26.34
C GLY A 315 7.40 -2.10 -25.75
N ALA A 316 6.98 -3.02 -24.90
CA ALA A 316 5.67 -2.87 -24.27
C ALA A 316 5.79 -1.89 -23.10
N GLN A 317 4.68 -1.21 -22.83
CA GLN A 317 4.54 -0.35 -21.66
C GLN A 317 3.80 -1.11 -20.56
N SER A 318 4.05 -0.61 -19.34
CA SER A 318 3.37 -1.11 -18.15
C SER A 318 1.90 -0.71 -18.17
N ASN A 319 1.15 -1.36 -17.29
CA ASN A 319 -0.19 -0.89 -16.94
C ASN A 319 -0.07 0.58 -16.51
N SER A 320 -1.12 1.37 -16.71
CA SER A 320 -1.12 2.78 -16.35
C SER A 320 -2.52 3.36 -16.17
N ASP A 321 -2.58 4.58 -15.66
CA ASP A 321 -3.86 5.29 -15.48
C ASP A 321 -3.54 6.77 -15.61
N PRO A 322 -4.49 7.67 -15.41
CA PRO A 322 -4.25 9.10 -15.59
C PRO A 322 -3.29 9.72 -14.59
N TYR A 323 -2.94 9.01 -13.51
CA TYR A 323 -2.01 9.48 -12.52
C TYR A 323 -0.58 9.00 -12.79
N THR A 324 -0.36 8.10 -13.72
CA THR A 324 0.97 7.57 -13.95
C THR A 324 2.01 8.63 -14.22
N VAL A 325 3.15 8.49 -13.57
CA VAL A 325 4.32 9.33 -13.79
C VAL A 325 5.31 8.38 -14.47
N TRP A 326 5.58 8.60 -15.76
CA TRP A 326 6.41 7.71 -16.55
C TRP A 326 7.88 7.94 -16.28
N TYR A 327 8.66 6.89 -16.03
CA TYR A 327 10.09 7.04 -15.81
C TYR A 327 10.75 7.87 -16.94
N ASN A 328 11.66 8.78 -16.52
CA ASN A 328 12.43 9.60 -17.41
C ASN A 328 11.69 10.72 -18.10
N SER A 329 10.40 10.91 -17.78
CA SER A 329 9.61 11.99 -18.34
C SER A 329 9.85 13.31 -17.62
N SER A 330 9.20 14.39 -18.15
CA SER A 330 9.24 15.69 -17.50
C SER A 330 8.61 15.61 -16.11
N ASN A 331 7.54 14.84 -15.93
CA ASN A 331 6.91 14.75 -14.61
C ASN A 331 7.78 13.90 -13.69
N TRP A 332 8.54 12.94 -14.18
CA TRP A 332 9.56 12.24 -13.38
C TRP A 332 10.61 13.24 -12.89
N GLN A 333 11.06 14.19 -13.73
CA GLN A 333 12.02 15.20 -13.27
C GLN A 333 11.37 16.01 -12.17
N CYS A 334 10.12 16.47 -12.34
CA CYS A 334 9.52 17.34 -11.35
C CYS A 334 9.17 16.65 -10.03
N LEU A 335 8.57 15.46 -10.11
CA LEU A 335 8.02 14.81 -8.92
C LEU A 335 8.85 13.70 -8.36
N VAL A 336 9.90 13.25 -9.04
CA VAL A 336 10.78 12.19 -8.59
C VAL A 336 12.21 12.73 -8.39
N LYS A 337 12.91 13.11 -9.46
CA LYS A 337 14.29 13.58 -9.26
C LYS A 337 14.34 14.84 -8.41
N ASN A 338 13.53 15.86 -8.63
CA ASN A 338 13.65 17.10 -7.83
C ASN A 338 13.28 16.83 -6.38
N HIS A 339 12.31 15.94 -6.15
CA HIS A 339 11.90 15.65 -4.77
C HIS A 339 12.97 14.87 -4.00
N VAL A 340 13.53 13.82 -4.62
CA VAL A 340 14.63 13.08 -4.01
C VAL A 340 15.80 14.02 -3.74
N ASP A 341 16.07 14.99 -4.63
CA ASP A 341 17.16 15.94 -4.44
C ASP A 341 16.91 16.83 -3.22
N ALA A 342 15.65 17.18 -2.94
CA ALA A 342 15.28 18.05 -1.84
C ALA A 342 15.35 17.31 -0.51
N ILE A 343 15.14 15.98 -0.55
CA ILE A 343 15.20 15.18 0.67
C ILE A 343 16.65 15.06 1.09
N ASN A 344 17.52 14.91 0.09
CA ASN A 344 18.92 14.67 0.28
C ASN A 344 19.51 14.43 -1.13
C TRS B . -6.35 3.47 -6.09
C1 TRS B . -7.69 2.69 -6.24
C2 TRS B . -5.27 2.47 -5.70
C3 TRS B . -5.89 4.25 -7.27
N TRS B . -6.57 4.42 -4.90
O1 TRS B . -7.61 1.72 -7.27
O2 TRS B . -5.50 1.98 -4.32
O3 TRS B . -6.91 5.16 -7.64
S SO4 C . 2.05 20.71 -15.02
O1 SO4 C . 2.11 19.17 -14.77
O2 SO4 C . 1.06 21.00 -16.08
O3 SO4 C . 3.42 21.14 -15.48
O4 SO4 C . 1.74 21.36 -13.72
C1 GOL D . -5.12 -1.03 -9.11
O1 GOL D . -5.80 -2.13 -8.52
C2 GOL D . -5.51 -0.52 -10.44
O2 GOL D . -6.13 -1.45 -11.32
C3 GOL D . -6.49 0.66 -10.26
O3 GOL D . -7.70 -0.09 -10.61
C1 GOL E . -11.81 0.70 -8.04
O1 GOL E . -11.51 0.58 -9.40
C2 GOL E . -11.67 2.04 -7.36
O2 GOL E . -10.89 2.99 -8.13
C3 GOL E . -13.05 2.63 -7.03
O3 GOL E . -14.02 2.21 -7.99
C1 GOL F . -11.74 6.33 -3.48
O1 GOL F . -11.10 7.50 -3.14
C2 GOL F . -11.26 5.81 -4.80
O2 GOL F . -11.39 6.83 -5.83
C3 GOL F . -9.85 5.31 -4.65
O3 GOL F . -8.88 6.38 -4.78
C1 NAG G . -25.29 -5.70 3.91
C2 NAG G . -26.36 -4.69 3.57
C3 NAG G . -26.80 -4.12 4.91
C4 NAG G . -27.24 -5.30 5.78
C5 NAG G . -26.09 -6.31 6.01
C6 NAG G . -26.59 -7.49 6.81
C7 NAG G . -26.46 -3.36 1.48
C8 NAG G . -25.77 -2.33 0.66
N2 NAG G . -25.82 -3.69 2.63
O3 NAG G . -27.91 -3.31 4.59
O4 NAG G . -27.67 -4.86 7.08
O5 NAG G . -25.74 -6.79 4.70
O6 NAG G . -27.63 -8.13 6.15
O7 NAG G . -27.45 -3.83 1.14
C1 NAG H . 12.83 -16.09 11.26
C2 NAG H . 13.93 -16.72 12.06
C3 NAG H . 13.31 -17.20 13.35
C4 NAG H . 12.57 -16.03 14.05
C5 NAG H . 11.50 -15.46 13.07
C6 NAG H . 10.81 -14.24 13.67
C7 NAG H . 15.81 -18.04 11.10
C8 NAG H . 16.14 -19.29 10.36
N2 NAG H . 14.48 -17.85 11.27
O3 NAG H . 14.38 -17.66 14.21
O4 NAG H . 11.88 -16.58 15.17
O5 NAG H . 12.22 -14.99 11.91
O6 NAG H . 9.71 -13.80 12.87
O7 NAG H . 16.61 -17.25 11.52
C1 NAG I . -9.92 25.80 -2.13
C2 NAG I . -9.53 27.22 -2.37
C3 NAG I . -9.22 27.95 -1.08
C4 NAG I . -10.26 27.49 -0.02
C5 NAG I . -10.14 25.99 0.25
C6 NAG I . -11.20 25.45 1.20
C7 NAG I . -8.52 27.25 -4.64
C8 NAG I . -7.29 27.61 -5.41
N2 NAG I . -8.37 27.25 -3.29
O3 NAG I . -9.35 29.34 -1.37
O4 NAG I . -10.00 28.20 1.20
O5 NAG I . -10.35 25.23 -0.93
O6 NAG I . -11.23 24.06 1.13
O7 NAG I . -9.52 27.01 -5.16
C1 NAG J . 16.82 7.68 -19.41
C2 NAG J . 17.13 6.56 -20.36
C3 NAG J . 18.62 6.38 -20.46
C4 NAG J . 19.15 7.78 -20.83
C5 NAG J . 18.76 8.92 -19.86
C6 NAG J . 19.16 10.31 -20.37
C7 NAG J . 15.61 4.65 -20.61
C8 NAG J . 15.16 3.36 -20.00
N2 NAG J . 16.50 5.31 -19.85
O3 NAG J . 18.73 5.42 -21.51
O4 NAG J . 20.59 7.71 -20.78
O5 NAG J . 17.34 8.97 -19.79
O6 NAG J . 18.97 11.24 -19.33
O7 NAG J . 15.24 5.06 -21.64
#